data_6T76
#
_entry.id   6T76
#
_cell.length_a   62.133
_cell.length_b   90.694
_cell.length_c   93.707
_cell.angle_alpha   90.000
_cell.angle_beta   90.000
_cell.angle_gamma   90.000
#
_symmetry.space_group_name_H-M   'P 21 21 21'
#
loop_
_entity.id
_entity.type
_entity.pdbx_description
1 polymer 'Periplasmic divalent cation tolerance protein'
2 non-polymer 'SULFATE ION'
3 water water
#
_entity_poly.entity_id   1
_entity_poly.type   'polypeptide(L)'
_entity_poly.pdbx_seq_one_letter_code
;MKIALTNLPPEHGERIARLLVEEHIVACVNLYPVHSIYSWKGEVCSEAEVTLMMKVSTQGIERLKQRICELHPYELPEFV
VIEVDNNASLREYIDFVKGETHLYSAWSHPQFEK
;
_entity_poly.pdbx_strand_id   A,B,C,D,E,F
#
loop_
_chem_comp.id
_chem_comp.type
_chem_comp.name
_chem_comp.formula
SO4 non-polymer 'SULFATE ION' 'O4 S -2'
#
# COMPACT_ATOMS: atom_id res chain seq x y z
N MET A 1 4.15 23.09 -15.60
CA MET A 1 3.47 22.53 -14.45
C MET A 1 4.50 22.25 -13.38
N LYS A 2 4.04 21.97 -12.17
CA LYS A 2 4.93 21.46 -11.13
C LYS A 2 4.16 20.40 -10.34
N ILE A 3 4.89 19.65 -9.52
CA ILE A 3 4.33 18.70 -8.58
C ILE A 3 4.57 19.25 -7.18
N ALA A 4 3.53 19.22 -6.37
CA ALA A 4 3.64 19.63 -4.97
C ALA A 4 3.25 18.44 -4.09
N LEU A 5 3.91 18.34 -2.97
CA LEU A 5 3.67 17.23 -2.01
C LEU A 5 3.26 17.80 -0.68
N THR A 6 2.29 17.17 -0.04
CA THR A 6 2.07 17.37 1.37
C THR A 6 1.75 15.99 1.99
N ASN A 7 1.94 15.88 3.30
CA ASN A 7 1.49 14.69 4.08
C ASN A 7 0.36 15.15 4.95
N LEU A 8 -0.70 14.32 5.05
CA LEU A 8 -1.82 14.63 5.88
C LEU A 8 -2.20 13.40 6.69
N PRO A 9 -2.82 13.61 7.84
CA PRO A 9 -3.41 12.43 8.54
C PRO A 9 -4.47 11.77 7.62
N PRO A 10 -4.69 10.46 7.78
CA PRO A 10 -5.53 9.79 6.79
C PRO A 10 -7.03 10.33 6.96
N GLU A 11 -7.40 10.74 8.16
CA GLU A 11 -8.74 11.40 8.46
C GLU A 11 -9.13 12.59 7.50
N HIS A 12 -8.10 13.29 6.99
CA HIS A 12 -8.12 14.55 6.21
C HIS A 12 -7.57 14.52 4.79
N GLY A 13 -6.67 13.59 4.51
CA GLY A 13 -6.01 13.52 3.23
C GLY A 13 -6.94 13.33 2.05
N GLU A 14 -7.83 12.34 2.14
CA GLU A 14 -8.79 12.07 1.10
C GLU A 14 -9.77 13.22 0.94
N ARG A 15 -10.19 13.81 2.06
CA ARG A 15 -11.16 14.93 1.98
C ARG A 15 -10.50 16.13 1.26
N ILE A 16 -9.32 16.47 1.68
CA ILE A 16 -8.64 17.65 1.10
C ILE A 16 -8.26 17.43 -0.38
N ALA A 17 -7.75 16.25 -0.71
CA ALA A 17 -7.48 15.93 -2.11
C ALA A 17 -8.73 16.17 -2.97
N ARG A 18 -9.88 15.67 -2.54
CA ARG A 18 -11.11 15.83 -3.29
C ARG A 18 -11.47 17.27 -3.44
N LEU A 19 -11.36 18.06 -2.36
CA LEU A 19 -11.72 19.45 -2.40
C LEU A 19 -10.86 20.24 -3.38
N LEU A 20 -9.57 19.95 -3.43
CA LEU A 20 -8.67 20.63 -4.31
C LEU A 20 -9.06 20.39 -5.77
N VAL A 21 -9.45 19.18 -6.09
CA VAL A 21 -9.87 18.83 -7.43
C VAL A 21 -11.24 19.44 -7.76
N GLU A 22 -12.21 19.32 -6.84
CA GLU A 22 -13.52 19.90 -7.05
C GLU A 22 -13.47 21.40 -7.28
N GLU A 23 -12.59 22.09 -6.57
CA GLU A 23 -12.44 23.52 -6.69
C GLU A 23 -11.49 23.93 -7.84
N HIS A 24 -10.93 22.97 -8.57
CA HIS A 24 -10.04 23.24 -9.68
C HIS A 24 -8.84 24.02 -9.27
N ILE A 25 -8.38 23.72 -8.06
CA ILE A 25 -7.10 24.25 -7.58
C ILE A 25 -5.93 23.42 -8.12
N VAL A 26 -6.18 22.13 -8.33
CA VAL A 26 -5.23 21.23 -8.95
C VAL A 26 -5.98 20.43 -10.00
N ALA A 27 -5.24 19.87 -10.94
CA ALA A 27 -5.79 19.05 -11.99
C ALA A 27 -6.00 17.57 -11.50
N CYS A 28 -5.11 17.08 -10.64
CA CYS A 28 -4.96 15.66 -10.34
C CYS A 28 -4.20 15.55 -9.02
N VAL A 29 -4.67 14.66 -8.15
CA VAL A 29 -3.96 14.31 -6.92
C VAL A 29 -3.80 12.79 -6.90
N ASN A 30 -2.57 12.33 -6.68
CA ASN A 30 -2.32 10.96 -6.35
C ASN A 30 -2.10 10.79 -4.83
N LEU A 31 -2.82 9.88 -4.20
CA LEU A 31 -2.73 9.63 -2.78
C LEU A 31 -2.13 8.26 -2.51
N TYR A 32 -1.10 8.24 -1.65
CA TYR A 32 -0.29 7.05 -1.28
C TYR A 32 -0.27 7.02 0.26
N PRO A 33 -0.68 5.92 0.88
CA PRO A 33 -0.47 5.81 2.35
C PRO A 33 1.01 5.72 2.69
N VAL A 34 1.43 6.30 3.78
CA VAL A 34 2.83 6.34 4.11
C VAL A 34 3.04 6.19 5.64
N HIS A 35 4.16 5.60 6.00
CA HIS A 35 4.66 5.66 7.35
C HIS A 35 5.68 6.80 7.40
N SER A 36 5.44 7.82 8.22
CA SER A 36 6.37 8.93 8.36
C SER A 36 7.05 8.86 9.69
N ILE A 37 8.38 9.02 9.65
CA ILE A 37 9.19 9.07 10.82
C ILE A 37 9.86 10.47 10.77
N TYR A 38 9.73 11.25 11.81
CA TYR A 38 10.30 12.60 11.75
C TYR A 38 10.65 13.13 13.12
N SER A 39 11.50 14.15 13.06
CA SER A 39 12.02 14.83 14.21
C SER A 39 11.07 15.99 14.51
N TRP A 40 10.66 16.10 15.77
CA TRP A 40 9.79 17.17 16.19
C TRP A 40 10.02 17.52 17.68
N LYS A 41 10.57 18.71 17.90
CA LYS A 41 10.71 19.27 19.25
C LYS A 41 11.35 18.27 20.19
N GLY A 42 12.51 17.78 19.76
CA GLY A 42 13.30 16.85 20.56
C GLY A 42 12.82 15.41 20.57
N GLU A 43 11.80 15.09 19.79
CA GLU A 43 11.27 13.73 19.77
C GLU A 43 11.25 13.15 18.37
N VAL A 44 11.35 11.83 18.28
CA VAL A 44 11.18 11.10 17.05
C VAL A 44 9.72 10.62 16.99
N CYS A 45 8.99 11.10 16.00
CA CYS A 45 7.59 10.77 15.83
C CYS A 45 7.42 9.73 14.72
N SER A 46 6.50 8.80 14.92
CA SER A 46 6.24 7.75 13.96
C SER A 46 4.73 7.71 13.69
N GLU A 47 4.30 8.06 12.50
CA GLU A 47 2.87 8.31 12.24
C GLU A 47 2.36 7.68 10.95
N ALA A 48 1.05 7.39 10.93
CA ALA A 48 0.34 6.99 9.72
C ALA A 48 -0.10 8.26 9.00
N GLU A 49 0.29 8.40 7.77
CA GLU A 49 -0.13 9.57 7.00
C GLU A 49 -0.50 9.15 5.58
N VAL A 50 -0.95 10.11 4.79
CA VAL A 50 -1.13 9.91 3.38
C VAL A 50 -0.39 11.03 2.69
N THR A 51 0.36 10.69 1.67
CA THR A 51 1.04 11.64 0.84
C THR A 51 0.07 12.06 -0.33
N LEU A 52 -0.13 13.36 -0.49
CA LEU A 52 -0.80 13.92 -1.68
C LEU A 52 0.26 14.41 -2.64
N MET A 53 0.32 13.83 -3.85
CA MET A 53 1.14 14.32 -4.91
C MET A 53 0.19 15.04 -5.87
N MET A 54 0.34 16.34 -5.93
CA MET A 54 -0.61 17.25 -6.55
C MET A 54 0.00 17.80 -7.82
N LYS A 55 -0.72 17.69 -8.92
CA LYS A 55 -0.26 18.23 -10.23
C LYS A 55 -1.00 19.48 -10.58
N VAL A 56 -0.26 20.54 -10.83
CA VAL A 56 -0.85 21.86 -10.91
C VAL A 56 -0.01 22.70 -11.89
N SER A 57 -0.64 23.62 -12.55
CA SER A 57 0.08 24.57 -13.41
C SER A 57 1.10 25.35 -12.56
N THR A 58 2.16 25.82 -13.20
CA THR A 58 3.15 26.62 -12.52
C THR A 58 2.53 27.89 -11.99
N GLN A 59 1.68 28.49 -12.76
CA GLN A 59 1.04 29.68 -12.31
C GLN A 59 0.08 29.46 -11.11
N GLY A 60 -0.48 28.26 -10.96
CA GLY A 60 -1.44 28.00 -9.92
C GLY A 60 -0.82 27.49 -8.66
N ILE A 61 0.52 27.39 -8.61
CA ILE A 61 1.21 26.92 -7.39
C ILE A 61 0.92 27.77 -6.15
N GLU A 62 0.92 29.08 -6.30
CA GLU A 62 0.68 29.95 -5.19
C GLU A 62 -0.73 29.77 -4.61
N ARG A 63 -1.73 29.68 -5.47
CA ARG A 63 -3.09 29.47 -5.03
C ARG A 63 -3.20 28.12 -4.30
N LEU A 64 -2.52 27.10 -4.80
CA LEU A 64 -2.49 25.82 -4.11
C LEU A 64 -1.89 25.94 -2.76
N LYS A 65 -0.76 26.63 -2.68
CA LYS A 65 -0.08 26.77 -1.41
C LYS A 65 -1.02 27.40 -0.39
N GLN A 66 -1.68 28.45 -0.80
CA GLN A 66 -2.56 29.20 0.09
C GLN A 66 -3.70 28.28 0.59
N ARG A 67 -4.30 27.57 -0.35
CA ARG A 67 -5.43 26.68 0.01
C ARG A 67 -5.03 25.52 0.91
N ILE A 68 -3.90 24.88 0.63
CA ILE A 68 -3.28 23.94 1.58
C ILE A 68 -3.11 24.52 2.97
N CYS A 69 -2.54 25.71 3.10
CA CYS A 69 -2.35 26.28 4.42
C CYS A 69 -3.68 26.59 5.07
N GLU A 70 -4.71 26.97 4.31
CA GLU A 70 -6.01 27.20 4.95
C GLU A 70 -6.56 25.87 5.51
N LEU A 71 -6.36 24.78 4.79
CA LEU A 71 -7.03 23.52 5.12
C LEU A 71 -6.22 22.58 6.01
N HIS A 72 -4.91 22.75 6.09
CA HIS A 72 -4.06 21.76 6.68
C HIS A 72 -4.26 21.76 8.18
N PRO A 73 -4.44 20.58 8.77
CA PRO A 73 -4.61 20.55 10.23
C PRO A 73 -3.33 20.84 11.06
N TYR A 74 -2.15 20.66 10.50
CA TYR A 74 -0.94 20.72 11.29
C TYR A 74 -0.48 22.16 11.48
N GLU A 75 0.11 22.43 12.63
CA GLU A 75 0.70 23.76 12.90
C GLU A 75 1.75 24.10 11.84
N LEU A 76 2.51 23.12 11.40
CA LEU A 76 3.49 23.35 10.36
C LEU A 76 3.24 22.36 9.23
N PRO A 77 2.51 22.77 8.20
CA PRO A 77 2.23 21.84 7.13
C PRO A 77 3.41 21.65 6.20
N GLU A 78 3.55 20.45 5.69
CA GLU A 78 4.47 20.18 4.65
C GLU A 78 3.91 20.72 3.33
N PHE A 79 4.70 21.51 2.62
CA PHE A 79 4.35 21.84 1.25
C PHE A 79 5.61 22.01 0.47
N VAL A 80 5.96 20.98 -0.28
CA VAL A 80 7.22 20.92 -1.00
C VAL A 80 6.92 20.79 -2.49
N VAL A 81 7.50 21.67 -3.26
CA VAL A 81 7.32 21.71 -4.67
C VAL A 81 8.56 21.10 -5.35
N ILE A 82 8.33 20.10 -6.16
CA ILE A 82 9.34 19.42 -6.89
C ILE A 82 9.42 20.00 -8.33
N GLU A 83 10.64 20.18 -8.81
CA GLU A 83 10.91 20.72 -10.13
C GLU A 83 10.62 19.68 -11.22
N VAL A 84 9.79 20.08 -12.16
CA VAL A 84 9.44 19.30 -13.32
C VAL A 84 10.20 19.81 -14.49
N ASP A 85 10.77 18.87 -15.26
CA ASP A 85 11.34 19.21 -16.51
C ASP A 85 10.20 19.28 -17.55
N ASN A 86 9.73 20.51 -17.80
CA ASN A 86 8.57 20.71 -18.68
C ASN A 86 8.83 20.32 -20.15
N ASN A 87 10.06 20.48 -20.62
CA ASN A 87 10.46 20.10 -21.96
C ASN A 87 10.49 18.62 -22.16
N ALA A 88 10.96 17.88 -21.16
CA ALA A 88 11.06 16.45 -21.32
C ALA A 88 9.74 15.72 -21.05
N SER A 89 8.85 16.33 -20.27
CA SER A 89 7.54 15.80 -19.97
C SER A 89 6.68 15.89 -21.24
N LEU A 90 5.54 15.21 -21.20
CA LEU A 90 4.69 15.11 -22.36
C LEU A 90 3.88 16.39 -22.40
N ARG A 91 4.04 17.15 -23.47
CA ARG A 91 3.38 18.41 -23.62
C ARG A 91 1.84 18.35 -23.47
N GLU A 92 1.20 17.39 -24.11
CA GLU A 92 -0.28 17.24 -24.04
C GLU A 92 -0.70 17.08 -22.60
N TYR A 93 0.13 16.41 -21.77
CA TYR A 93 -0.21 16.25 -20.38
C TYR A 93 -0.06 17.56 -19.61
N ILE A 94 1.02 18.30 -19.87
CA ILE A 94 1.23 19.58 -19.25
C ILE A 94 0.10 20.53 -19.61
N ASP A 95 -0.36 20.51 -20.86
CA ASP A 95 -1.47 21.34 -21.30
C ASP A 95 -2.78 20.95 -20.64
N PHE A 96 -3.02 19.66 -20.47
CA PHE A 96 -4.17 19.21 -19.69
C PHE A 96 -4.14 19.78 -18.27
N VAL A 97 -3.01 19.66 -17.61
CA VAL A 97 -2.90 20.15 -16.25
C VAL A 97 -3.21 21.67 -16.22
N LYS A 98 -2.61 22.41 -17.12
CA LYS A 98 -2.80 23.85 -17.20
C LYS A 98 -4.29 24.17 -17.41
N GLY A 99 -4.95 23.46 -18.32
CA GLY A 99 -6.36 23.70 -18.63
C GLY A 99 -7.32 23.40 -17.51
N GLU A 100 -7.01 22.46 -16.64
CA GLU A 100 -7.91 22.14 -15.54
C GLU A 100 -7.73 23.09 -14.33
N THR A 101 -6.62 23.81 -14.30
CA THR A 101 -6.25 24.63 -13.11
C THR A 101 -6.87 26.00 -13.39
N HIS A 102 -7.86 26.43 -12.61
CA HIS A 102 -8.45 27.80 -12.83
C HIS A 102 -7.70 28.87 -11.98
N LEU A 103 -7.26 29.96 -12.60
CA LEU A 103 -6.19 30.82 -12.00
C LEU A 103 -6.60 31.75 -10.83
N TYR A 104 -7.79 32.34 -10.92
CA TYR A 104 -8.38 33.11 -9.82
C TYR A 104 -9.72 32.45 -9.42
N MET B 1 21.05 11.15 -15.13
CA MET B 1 19.82 10.36 -15.15
C MET B 1 18.66 11.27 -14.84
N LYS B 2 17.43 10.79 -15.06
CA LYS B 2 16.24 11.52 -14.59
C LYS B 2 15.26 10.49 -14.06
N ILE B 3 14.21 10.96 -13.40
CA ILE B 3 13.10 10.14 -13.00
C ILE B 3 11.86 10.57 -13.78
N ALA B 4 11.08 9.60 -14.29
CA ALA B 4 9.86 9.89 -14.96
C ALA B 4 8.73 9.14 -14.27
N LEU B 5 7.56 9.76 -14.25
CA LEU B 5 6.41 9.19 -13.63
C LEU B 5 5.29 9.00 -14.63
N THR B 6 4.56 7.88 -14.52
CA THR B 6 3.29 7.77 -15.21
C THR B 6 2.34 7.00 -14.27
N ASN B 7 1.05 7.16 -14.46
CA ASN B 7 0.02 6.35 -13.74
C ASN B 7 -0.64 5.46 -14.76
N LEU B 8 -0.89 4.21 -14.39
CA LEU B 8 -1.49 3.26 -15.25
C LEU B 8 -2.58 2.52 -14.48
N PRO B 9 -3.57 2.01 -15.19
CA PRO B 9 -4.49 1.02 -14.53
C PRO B 9 -3.79 -0.21 -14.11
N PRO B 10 -4.31 -0.85 -13.03
CA PRO B 10 -3.44 -1.84 -12.43
C PRO B 10 -3.33 -3.05 -13.43
N GLU B 11 -4.35 -3.28 -14.24
CA GLU B 11 -4.28 -4.40 -15.24
C GLU B 11 -3.16 -4.26 -16.31
N HIS B 12 -2.52 -3.09 -16.44
CA HIS B 12 -1.38 -2.74 -17.35
C HIS B 12 -0.07 -2.30 -16.76
N GLY B 13 -0.10 -1.77 -15.55
CA GLY B 13 1.06 -1.16 -14.91
C GLY B 13 2.23 -2.12 -14.77
N GLU B 14 1.96 -3.26 -14.19
CA GLU B 14 3.00 -4.30 -13.98
C GLU B 14 3.52 -4.82 -15.34
N ARG B 15 2.63 -5.02 -16.30
CA ARG B 15 3.06 -5.52 -17.62
C ARG B 15 3.97 -4.53 -18.31
N ILE B 16 3.59 -3.26 -18.28
CA ILE B 16 4.38 -2.24 -18.95
C ILE B 16 5.71 -2.02 -18.26
N ALA B 17 5.70 -1.96 -16.90
CA ALA B 17 6.94 -1.86 -16.16
C ALA B 17 7.94 -2.96 -16.54
N ARG B 18 7.47 -4.19 -16.59
CA ARG B 18 8.33 -5.30 -16.94
C ARG B 18 8.86 -5.19 -18.36
N LEU B 19 8.00 -4.81 -19.29
CA LEU B 19 8.45 -4.58 -20.66
C LEU B 19 9.54 -3.54 -20.79
N LEU B 20 9.38 -2.43 -20.08
CA LEU B 20 10.36 -1.33 -20.15
C LEU B 20 11.72 -1.73 -19.64
N VAL B 21 11.73 -2.54 -18.60
CA VAL B 21 12.98 -3.14 -18.08
C VAL B 21 13.55 -4.22 -18.97
N GLU B 22 12.73 -5.14 -19.45
CA GLU B 22 13.21 -6.17 -20.38
C GLU B 22 13.81 -5.60 -21.62
N GLU B 23 13.22 -4.54 -22.13
CA GLU B 23 13.73 -3.89 -23.39
C GLU B 23 14.85 -2.88 -23.09
N HIS B 24 15.22 -2.70 -21.83
CA HIS B 24 16.30 -1.80 -21.43
C HIS B 24 16.00 -0.38 -21.78
N ILE B 25 14.72 -0.03 -21.77
CA ILE B 25 14.29 1.33 -22.01
C ILE B 25 14.39 2.13 -20.71
N VAL B 26 14.36 1.43 -19.59
CA VAL B 26 14.70 1.97 -18.29
C VAL B 26 15.59 0.98 -17.55
N ALA B 27 16.29 1.47 -16.54
CA ALA B 27 17.11 0.64 -15.68
C ALA B 27 16.30 -0.03 -14.58
N CYS B 28 15.29 0.69 -14.08
CA CYS B 28 14.60 0.31 -12.85
C CYS B 28 13.23 1.00 -12.87
N VAL B 29 12.21 0.30 -12.44
CA VAL B 29 10.90 0.90 -12.21
C VAL B 29 10.51 0.50 -10.79
N ASN B 30 10.03 1.47 -10.04
CA ASN B 30 9.33 1.22 -8.79
C ASN B 30 7.81 1.40 -9.00
N LEU B 31 7.03 0.43 -8.55
CA LEU B 31 5.56 0.51 -8.69
C LEU B 31 4.85 0.61 -7.35
N TYR B 32 3.94 1.56 -7.27
CA TYR B 32 3.23 1.94 -6.02
C TYR B 32 1.74 2.00 -6.40
N PRO B 33 0.87 1.26 -5.73
CA PRO B 33 -0.56 1.51 -5.93
C PRO B 33 -0.96 2.90 -5.43
N VAL B 34 -1.88 3.55 -6.11
CA VAL B 34 -2.28 4.84 -5.76
C VAL B 34 -3.77 5.01 -5.95
N HIS B 35 -4.34 5.91 -5.18
CA HIS B 35 -5.68 6.41 -5.44
C HIS B 35 -5.54 7.77 -6.17
N SER B 36 -6.08 7.88 -7.37
CA SER B 36 -6.01 9.15 -8.14
C SER B 36 -7.36 9.79 -8.18
N ILE B 37 -7.39 11.08 -7.93
CA ILE B 37 -8.57 11.87 -8.03
C ILE B 37 -8.20 12.95 -9.09
N TYR B 38 -9.03 13.10 -10.11
CA TYR B 38 -8.71 14.09 -11.14
C TYR B 38 -9.93 14.63 -11.86
N SER B 39 -9.69 15.74 -12.52
CA SER B 39 -10.67 16.53 -13.23
C SER B 39 -10.66 16.06 -14.69
N TRP B 40 -11.83 15.75 -15.23
CA TRP B 40 -11.93 15.28 -16.62
C TRP B 40 -13.29 15.70 -17.22
N LYS B 41 -13.24 16.65 -18.15
CA LYS B 41 -14.40 17.07 -18.92
C LYS B 41 -15.58 17.37 -18.01
N GLY B 42 -15.33 18.22 -17.02
CA GLY B 42 -16.35 18.67 -16.09
C GLY B 42 -16.72 17.70 -14.98
N GLU B 43 -16.06 16.54 -14.91
CA GLU B 43 -16.35 15.56 -13.87
C GLU B 43 -15.10 15.34 -12.99
N VAL B 44 -15.35 15.00 -11.73
CA VAL B 44 -14.31 14.53 -10.82
C VAL B 44 -14.24 13.01 -10.85
N CYS B 45 -13.09 12.47 -11.21
CA CYS B 45 -12.90 11.04 -11.36
C CYS B 45 -12.07 10.50 -10.22
N SER B 46 -12.46 9.33 -9.71
CA SER B 46 -11.73 8.70 -8.61
C SER B 46 -11.35 7.30 -9.07
N GLU B 47 -10.06 6.98 -9.19
CA GLU B 47 -9.63 5.71 -9.79
C GLU B 47 -8.51 5.00 -9.00
N ALA B 48 -8.49 3.67 -9.14
CA ALA B 48 -7.37 2.84 -8.68
C ALA B 48 -6.33 2.81 -9.77
N GLU B 49 -5.10 3.18 -9.46
CA GLU B 49 -4.06 3.16 -10.45
C GLU B 49 -2.80 2.67 -9.83
N VAL B 50 -1.74 2.56 -10.63
CA VAL B 50 -0.43 2.24 -10.08
C VAL B 50 0.50 3.31 -10.66
N THR B 51 1.32 3.89 -9.81
CA THR B 51 2.37 4.84 -10.25
C THR B 51 3.64 4.07 -10.58
N LEU B 52 4.18 4.34 -11.75
CA LEU B 52 5.50 3.83 -12.18
C LEU B 52 6.50 4.97 -12.04
N MET B 53 7.49 4.76 -11.19
CA MET B 53 8.58 5.72 -11.04
C MET B 53 9.77 5.09 -11.75
N MET B 54 10.17 5.70 -12.86
CA MET B 54 11.08 5.08 -13.78
C MET B 54 12.40 5.78 -13.72
N LYS B 55 13.46 5.05 -13.55
CA LYS B 55 14.82 5.59 -13.55
C LYS B 55 15.50 5.27 -14.88
N VAL B 56 15.94 6.32 -15.55
CA VAL B 56 16.36 6.24 -16.87
C VAL B 56 17.50 7.24 -17.08
N SER B 57 18.41 6.90 -17.94
CA SER B 57 19.44 7.87 -18.37
C SER B 57 18.85 9.09 -19.01
N THR B 58 19.59 10.19 -18.98
CA THR B 58 19.06 11.42 -19.54
C THR B 58 18.91 11.23 -21.05
N GLN B 59 19.87 10.59 -21.66
CA GLN B 59 19.81 10.43 -23.08
C GLN B 59 18.68 9.47 -23.55
N GLY B 60 18.20 8.58 -22.67
CA GLY B 60 17.11 7.70 -22.99
C GLY B 60 15.72 8.20 -22.65
N ILE B 61 15.60 9.44 -22.16
CA ILE B 61 14.29 10.00 -21.83
C ILE B 61 13.33 10.06 -23.03
N GLU B 62 13.83 10.50 -24.17
CA GLU B 62 12.99 10.61 -25.37
C GLU B 62 12.44 9.25 -25.87
N ARG B 63 13.30 8.24 -25.94
CA ARG B 63 12.87 6.92 -26.25
C ARG B 63 11.82 6.37 -25.23
N LEU B 64 12.01 6.64 -23.95
CA LEU B 64 11.04 6.26 -22.95
C LEU B 64 9.68 6.93 -23.21
N LYS B 65 9.71 8.24 -23.46
CA LYS B 65 8.49 8.99 -23.67
C LYS B 65 7.70 8.41 -24.85
N GLN B 66 8.41 8.09 -25.91
CA GLN B 66 7.78 7.52 -27.11
C GLN B 66 7.16 6.15 -26.78
N ARG B 67 7.91 5.32 -26.08
CA ARG B 67 7.46 3.97 -25.75
C ARG B 67 6.24 4.00 -24.84
N ILE B 68 6.25 4.90 -23.86
CA ILE B 68 5.11 5.12 -23.02
C ILE B 68 3.88 5.53 -23.84
N CYS B 69 4.03 6.48 -24.77
CA CYS B 69 2.91 6.84 -25.68
C CYS B 69 2.47 5.68 -26.59
N GLU B 70 3.36 4.80 -27.01
CA GLU B 70 2.90 3.62 -27.77
C GLU B 70 2.08 2.66 -26.90
N LEU B 71 2.46 2.47 -25.65
CA LEU B 71 1.89 1.44 -24.82
C LEU B 71 0.73 1.88 -23.97
N HIS B 72 0.61 3.18 -23.70
CA HIS B 72 -0.29 3.62 -22.63
C HIS B 72 -1.74 3.44 -23.04
N PRO B 73 -2.59 2.94 -22.11
CA PRO B 73 -3.98 2.67 -22.55
C PRO B 73 -4.91 3.85 -22.40
N TYR B 74 -4.48 4.96 -21.78
CA TYR B 74 -5.35 6.12 -21.69
C TYR B 74 -5.25 7.01 -22.92
N GLU B 75 -6.35 7.66 -23.21
CA GLU B 75 -6.38 8.63 -24.32
C GLU B 75 -5.35 9.73 -24.08
N LEU B 76 -5.17 10.12 -22.83
CA LEU B 76 -4.19 11.13 -22.51
C LEU B 76 -3.28 10.61 -21.45
N PRO B 77 -2.16 10.04 -21.85
CA PRO B 77 -1.29 9.49 -20.82
C PRO B 77 -0.48 10.53 -20.02
N GLU B 78 -0.25 10.23 -18.75
CA GLU B 78 0.65 10.98 -17.95
C GLU B 78 2.13 10.63 -18.31
N PHE B 79 2.98 11.62 -18.48
CA PHE B 79 4.39 11.39 -18.48
C PHE B 79 5.08 12.67 -18.01
N VAL B 80 5.58 12.62 -16.77
CA VAL B 80 6.14 13.76 -16.10
C VAL B 80 7.56 13.42 -15.66
N VAL B 81 8.51 14.26 -16.03
CA VAL B 81 9.91 14.05 -15.77
C VAL B 81 10.27 15.02 -14.64
N ILE B 82 10.81 14.45 -13.58
CA ILE B 82 11.26 15.24 -12.45
C ILE B 82 12.81 15.34 -12.52
N GLU B 83 13.25 16.51 -12.17
CA GLU B 83 14.67 16.87 -12.23
C GLU B 83 15.50 16.22 -11.15
N VAL B 84 16.52 15.48 -11.54
CA VAL B 84 17.50 14.86 -10.65
C VAL B 84 18.72 15.67 -10.51
N ASP B 85 19.18 15.88 -9.28
CA ASP B 85 20.44 16.56 -9.07
C ASP B 85 21.52 15.48 -9.22
N ASN B 86 22.07 15.37 -10.43
CA ASN B 86 23.07 14.32 -10.74
C ASN B 86 24.39 14.43 -9.97
N ASN B 87 24.82 15.64 -9.67
CA ASN B 87 26.02 15.85 -8.85
C ASN B 87 25.83 15.43 -7.39
N ALA B 88 24.65 15.62 -6.83
CA ALA B 88 24.43 15.27 -5.40
C ALA B 88 24.12 13.79 -5.24
N SER B 89 23.59 13.17 -6.29
CA SER B 89 23.28 11.76 -6.31
C SER B 89 24.56 10.94 -6.30
N LEU B 90 24.42 9.64 -6.05
CA LEU B 90 25.58 8.76 -5.92
C LEU B 90 26.01 8.42 -7.31
N ARG B 91 27.24 8.76 -7.63
CA ARG B 91 27.78 8.60 -8.96
C ARG B 91 27.72 7.17 -9.51
N GLU B 92 28.10 6.20 -8.71
CA GLU B 92 27.99 4.77 -9.05
C GLU B 92 26.56 4.37 -9.39
N TYR B 93 25.59 4.94 -8.69
CA TYR B 93 24.21 4.65 -9.03
C TYR B 93 23.78 5.25 -10.40
N ILE B 94 24.17 6.50 -10.64
CA ILE B 94 23.81 7.15 -11.89
C ILE B 94 24.50 6.41 -13.05
N ASP B 95 25.72 5.92 -12.84
CA ASP B 95 26.40 5.12 -13.86
C ASP B 95 25.69 3.81 -14.11
N PHE B 96 25.19 3.17 -13.04
CA PHE B 96 24.40 1.97 -13.21
C PHE B 96 23.19 2.25 -14.08
N VAL B 97 22.47 3.32 -13.76
CA VAL B 97 21.25 3.65 -14.52
C VAL B 97 21.56 3.91 -16.02
N LYS B 98 22.66 4.63 -16.28
CA LYS B 98 23.14 4.88 -17.62
C LYS B 98 23.44 3.56 -18.32
N GLY B 99 24.17 2.67 -17.66
CA GLY B 99 24.59 1.43 -18.29
C GLY B 99 23.44 0.47 -18.64
N GLU B 100 22.37 0.48 -17.85
CA GLU B 100 21.26 -0.42 -18.08
C GLU B 100 20.20 0.17 -19.00
N THR B 101 20.34 1.44 -19.36
CA THR B 101 19.49 2.06 -20.38
C THR B 101 20.16 1.95 -21.75
N HIS B 102 19.55 1.16 -22.64
CA HIS B 102 20.04 0.98 -24.03
C HIS B 102 19.26 1.86 -25.04
N LEU B 103 19.90 2.85 -25.66
CA LEU B 103 19.30 3.57 -26.81
C LEU B 103 19.27 2.81 -28.13
N TYR B 104 20.19 1.87 -28.33
CA TYR B 104 20.35 1.17 -29.61
C TYR B 104 20.34 -0.33 -29.39
N MET C 1 -4.81 -26.39 9.20
CA MET C 1 -4.02 -25.17 9.41
C MET C 1 -4.97 -24.11 9.90
N LYS C 2 -4.41 -23.03 10.41
CA LYS C 2 -5.22 -21.85 10.74
C LYS C 2 -4.42 -20.63 10.27
N ILE C 3 -5.08 -19.49 10.27
CA ILE C 3 -4.43 -18.16 10.05
C ILE C 3 -4.49 -17.37 11.34
N ALA C 4 -3.37 -16.76 11.74
CA ALA C 4 -3.31 -15.94 12.93
C ALA C 4 -2.90 -14.56 12.50
N LEU C 5 -3.46 -13.56 13.15
CA LEU C 5 -3.18 -12.20 12.84
C LEU C 5 -2.60 -11.53 14.09
N THR C 6 -1.62 -10.63 13.87
CA THR C 6 -1.25 -9.65 14.85
C THR C 6 -0.93 -8.35 14.11
N ASN C 7 -1.00 -7.25 14.82
CA ASN C 7 -0.56 -5.95 14.32
C ASN C 7 0.69 -5.54 15.12
N LEU C 8 1.68 -4.97 14.43
CA LEU C 8 2.90 -4.56 15.06
C LEU C 8 3.32 -3.21 14.50
N PRO C 9 4.12 -2.46 15.26
CA PRO C 9 4.71 -1.26 14.68
C PRO C 9 5.62 -1.65 13.51
N PRO C 10 5.83 -0.78 12.52
CA PRO C 10 6.40 -1.28 11.28
C PRO C 10 7.76 -1.98 11.33
N GLU C 11 8.68 -1.45 12.12
CA GLU C 11 10.00 -2.01 12.16
C GLU C 11 9.94 -3.36 12.83
N HIS C 12 9.14 -3.45 13.89
CA HIS C 12 9.13 -4.66 14.66
C HIS C 12 8.45 -5.73 13.83
N GLY C 13 7.50 -5.32 13.00
CA GLY C 13 6.75 -6.25 12.16
C GLY C 13 7.55 -7.11 11.21
N GLU C 14 8.41 -6.46 10.46
CA GLU C 14 9.31 -7.15 9.53
C GLU C 14 10.31 -8.01 10.23
N ARG C 15 10.85 -7.53 11.35
CA ARG C 15 11.83 -8.33 12.09
C ARG C 15 11.18 -9.56 12.62
N ILE C 16 10.05 -9.38 13.28
CA ILE C 16 9.39 -10.50 13.90
C ILE C 16 8.89 -11.54 12.86
N ALA C 17 8.31 -11.09 11.78
CA ALA C 17 7.89 -11.98 10.69
C ALA C 17 9.06 -12.88 10.21
N ARG C 18 10.21 -12.26 9.94
CA ARG C 18 11.38 -13.01 9.53
C ARG C 18 11.81 -14.03 10.58
N LEU C 19 11.82 -13.63 11.87
CA LEU C 19 12.20 -14.54 12.91
C LEU C 19 11.29 -15.77 13.00
N LEU C 20 10.00 -15.55 12.88
CA LEU C 20 9.04 -16.65 12.98
C LEU C 20 9.25 -17.68 11.89
N VAL C 21 9.58 -17.20 10.71
CA VAL C 21 9.87 -18.06 9.60
C VAL C 21 11.23 -18.75 9.76
N GLU C 22 12.26 -18.01 10.15
CA GLU C 22 13.60 -18.61 10.37
C GLU C 22 13.58 -19.66 11.43
N GLU C 23 12.76 -19.49 12.45
CA GLU C 23 12.65 -20.46 13.51
C GLU C 23 11.61 -21.56 13.23
N HIS C 24 10.94 -21.53 12.08
CA HIS C 24 9.97 -22.55 11.70
C HIS C 24 8.81 -22.63 12.63
N ILE C 25 8.49 -21.48 13.19
CA ILE C 25 7.31 -21.39 14.02
C ILE C 25 6.05 -21.23 13.15
N VAL C 26 6.23 -20.64 11.98
CA VAL C 26 5.17 -20.53 10.98
C VAL C 26 5.78 -20.90 9.66
N ALA C 27 4.92 -21.20 8.72
CA ALA C 27 5.35 -21.54 7.38
C ALA C 27 5.54 -20.29 6.50
N CYS C 28 4.73 -19.27 6.72
CA CYS C 28 4.56 -18.18 5.78
C CYS C 28 3.93 -17.04 6.53
N VAL C 29 4.44 -15.84 6.27
CA VAL C 29 3.86 -14.63 6.84
C VAL C 29 3.65 -13.69 5.67
N ASN C 30 2.45 -13.13 5.58
CA ASN C 30 2.19 -12.02 4.70
C ASN C 30 2.09 -10.76 5.50
N LEU C 31 2.83 -9.73 5.09
CA LEU C 31 2.80 -8.44 5.77
C LEU C 31 2.18 -7.34 4.94
N TYR C 32 1.27 -6.61 5.56
CA TYR C 32 0.44 -5.56 4.91
C TYR C 32 0.57 -4.34 5.81
N PRO C 33 0.92 -3.21 5.28
CA PRO C 33 0.78 -1.96 6.08
C PRO C 33 -0.68 -1.60 6.34
N VAL C 34 -0.97 -1.06 7.49
CA VAL C 34 -2.31 -0.74 7.85
C VAL C 34 -2.35 0.54 8.67
N HIS C 35 -3.46 1.25 8.57
CA HIS C 35 -3.81 2.30 9.51
C HIS C 35 -4.78 1.70 10.54
N SER C 36 -4.42 1.69 11.82
CA SER C 36 -5.28 1.15 12.89
C SER C 36 -5.81 2.24 13.73
N ILE C 37 -7.12 2.17 13.99
CA ILE C 37 -7.80 3.10 14.84
C ILE C 37 -8.41 2.25 15.94
N TYR C 38 -8.10 2.56 17.19
CA TYR C 38 -8.59 1.71 18.26
C TYR C 38 -8.73 2.44 19.58
N SER C 39 -9.51 1.81 20.44
CA SER C 39 -9.85 2.31 21.75
C SER C 39 -8.82 1.76 22.74
N TRP C 40 -8.25 2.63 23.57
CA TRP C 40 -7.27 2.19 24.56
C TRP C 40 -7.29 3.10 25.80
N LYS C 41 -7.78 2.55 26.91
CA LYS C 41 -7.78 3.24 28.19
C LYS C 41 -8.35 4.64 28.07
N GLY C 42 -9.56 4.72 27.53
CA GLY C 42 -10.29 5.98 27.42
C GLY C 42 -9.82 6.91 26.30
N GLU C 43 -8.89 6.46 25.46
CA GLU C 43 -8.42 7.28 24.33
C GLU C 43 -8.56 6.55 22.99
N VAL C 44 -8.73 7.34 21.93
CA VAL C 44 -8.77 6.82 20.57
C VAL C 44 -7.37 6.95 19.97
N CYS C 45 -6.79 5.82 19.59
CA CYS C 45 -5.43 5.78 19.07
C CYS C 45 -5.46 5.54 17.57
N SER C 46 -4.62 6.25 16.85
CA SER C 46 -4.55 6.20 15.41
C SER C 46 -3.09 5.96 15.06
N GLU C 47 -2.77 4.79 14.52
CA GLU C 47 -1.37 4.35 14.41
C GLU C 47 -1.04 3.69 13.08
N ALA C 48 0.25 3.81 12.72
CA ALA C 48 0.80 3.13 11.55
C ALA C 48 1.25 1.79 12.04
N GLU C 49 0.80 0.74 11.41
CA GLU C 49 1.15 -0.55 11.80
C GLU C 49 1.36 -1.42 10.60
N VAL C 50 1.77 -2.67 10.83
CA VAL C 50 1.79 -3.66 9.81
C VAL C 50 1.00 -4.86 10.38
N THR C 51 0.14 -5.45 9.54
CA THR C 51 -0.57 -6.68 9.87
C THR C 51 0.30 -7.84 9.41
N LEU C 52 0.54 -8.78 10.31
CA LEU C 52 1.14 -10.06 9.96
C LEU C 52 -0.02 -11.08 9.88
N MET C 53 -0.15 -11.69 8.71
CA MET C 53 -1.04 -12.80 8.50
C MET C 53 -0.17 -14.03 8.43
N MET C 54 -0.29 -14.86 9.44
CA MET C 54 0.62 -15.96 9.69
C MET C 54 -0.10 -17.27 9.41
N LYS C 55 0.50 -18.10 8.60
CA LYS C 55 -0.07 -19.42 8.31
C LYS C 55 0.70 -20.45 9.09
N VAL C 56 -0.03 -21.24 9.87
CA VAL C 56 0.60 -22.16 10.80
C VAL C 56 -0.28 -23.39 10.97
N SER C 57 0.35 -24.52 11.25
CA SER C 57 -0.42 -25.76 11.47
C SER C 57 -1.29 -25.55 12.70
N THR C 58 -2.39 -26.27 12.78
CA THR C 58 -3.24 -26.16 13.91
C THR C 58 -2.49 -26.59 15.19
N GLN C 59 -1.67 -27.63 15.10
CA GLN C 59 -0.89 -28.07 16.23
C GLN C 59 0.17 -27.06 16.69
N GLY C 60 0.64 -26.21 15.79
CA GLY C 60 1.66 -25.23 16.15
C GLY C 60 1.12 -23.91 16.64
N ILE C 61 -0.20 -23.77 16.77
CA ILE C 61 -0.78 -22.47 17.16
C ILE C 61 -0.28 -22.03 18.56
N GLU C 62 -0.17 -22.95 19.51
CA GLU C 62 0.21 -22.63 20.91
C GLU C 62 1.65 -22.14 20.99
N ARG C 63 2.54 -22.78 20.26
CA ARG C 63 3.90 -22.34 20.12
C ARG C 63 4.02 -20.96 19.47
N LEU C 64 3.22 -20.69 18.43
CA LEU C 64 3.20 -19.36 17.85
C LEU C 64 2.74 -18.31 18.86
N LYS C 65 1.67 -18.61 19.57
CA LYS C 65 1.11 -17.65 20.48
C LYS C 65 2.15 -17.28 21.54
N GLN C 66 2.89 -18.27 22.03
CA GLN C 66 3.91 -18.08 23.06
C GLN C 66 5.03 -17.19 22.52
N ARG C 67 5.44 -17.47 21.29
CA ARG C 67 6.51 -16.71 20.69
C ARG C 67 6.10 -15.26 20.42
N ILE C 68 4.88 -15.07 19.94
CA ILE C 68 4.34 -13.73 19.74
C ILE C 68 4.32 -12.94 21.05
N CYS C 69 3.86 -13.55 22.12
CA CYS C 69 3.93 -12.89 23.43
C CYS C 69 5.34 -12.60 23.91
N GLU C 70 6.31 -13.44 23.63
CA GLU C 70 7.66 -13.13 24.01
C GLU C 70 8.20 -11.93 23.22
N LEU C 71 7.85 -11.83 21.95
CA LEU C 71 8.44 -10.84 21.08
C LEU C 71 7.67 -9.52 20.99
N HIS C 72 6.39 -9.51 21.34
CA HIS C 72 5.49 -8.39 20.94
C HIS C 72 5.81 -7.21 21.84
N PRO C 73 5.93 -6.00 21.26
CA PRO C 73 6.30 -4.87 22.12
C PRO C 73 5.13 -4.33 22.96
N TYR C 74 3.89 -4.61 22.60
CA TYR C 74 2.75 -3.96 23.24
C TYR C 74 2.40 -4.69 24.54
N GLU C 75 1.95 -3.93 25.53
CA GLU C 75 1.52 -4.55 26.78
C GLU C 75 0.42 -5.61 26.53
N LEU C 76 -0.45 -5.34 25.57
CA LEU C 76 -1.49 -6.31 25.22
C LEU C 76 -1.40 -6.57 23.75
N PRO C 77 -0.69 -7.60 23.37
CA PRO C 77 -0.59 -7.87 21.97
C PRO C 77 -1.87 -8.46 21.35
N GLU C 78 -2.10 -8.11 20.09
CA GLU C 78 -3.15 -8.71 19.29
C GLU C 78 -2.71 -10.10 18.84
N PHE C 79 -3.53 -11.10 19.10
CA PHE C 79 -3.30 -12.40 18.50
C PHE C 79 -4.65 -13.06 18.28
N VAL C 80 -5.10 -13.03 17.04
CA VAL C 80 -6.43 -13.46 16.69
C VAL C 80 -6.31 -14.55 15.65
N VAL C 81 -6.96 -15.64 15.91
CA VAL C 81 -6.88 -16.80 15.05
C VAL C 81 -8.20 -16.86 14.29
N ILE C 82 -8.11 -16.87 12.97
CA ILE C 82 -9.28 -17.01 12.09
C ILE C 82 -9.39 -18.47 11.60
N GLU C 83 -10.63 -18.97 11.61
CA GLU C 83 -10.94 -20.33 11.25
C GLU C 83 -10.82 -20.56 9.76
N VAL C 84 -10.14 -21.64 9.42
CA VAL C 84 -9.93 -22.04 8.03
C VAL C 84 -10.77 -23.26 7.70
N ASP C 85 -11.45 -23.24 6.55
CA ASP C 85 -12.16 -24.40 6.03
C ASP C 85 -11.11 -25.30 5.35
N ASN C 86 -10.61 -26.25 6.11
CA ASN C 86 -9.54 -27.13 5.65
C ASN C 86 -9.97 -28.05 4.45
N ASN C 87 -11.25 -28.40 4.34
CA ASN C 87 -11.81 -29.19 3.20
C ASN C 87 -11.88 -28.42 1.92
N ALA C 88 -12.27 -27.17 2.00
CA ALA C 88 -12.38 -26.36 0.83
C ALA C 88 -11.01 -25.82 0.37
N SER C 89 -10.07 -25.65 1.31
CA SER C 89 -8.74 -25.21 0.96
C SER C 89 -7.97 -26.29 0.16
N LEU C 90 -6.86 -25.90 -0.45
CA LEU C 90 -6.09 -26.82 -1.27
C LEU C 90 -5.26 -27.66 -0.31
N ARG C 91 -5.48 -28.97 -0.36
CA ARG C 91 -4.86 -29.90 0.55
C ARG C 91 -3.30 -29.86 0.53
N GLU C 92 -2.71 -29.79 -0.64
CA GLU C 92 -1.29 -29.71 -0.77
C GLU C 92 -0.75 -28.49 -0.07
N TYR C 93 -1.50 -27.40 -0.11
CA TYR C 93 -1.07 -26.19 0.56
C TYR C 93 -1.13 -26.33 2.07
N ILE C 94 -2.20 -26.94 2.59
CA ILE C 94 -2.32 -27.20 3.99
C ILE C 94 -1.21 -28.13 4.47
N ASP C 95 -0.87 -29.13 3.68
CA ASP C 95 0.21 -30.04 4.01
C ASP C 95 1.56 -29.29 4.03
N PHE C 96 1.75 -28.36 3.09
CA PHE C 96 2.99 -27.56 3.06
C PHE C 96 3.10 -26.80 4.36
N VAL C 97 2.02 -26.18 4.77
CA VAL C 97 2.03 -25.41 5.99
C VAL C 97 2.35 -26.29 7.20
N LYS C 98 1.72 -27.47 7.27
CA LYS C 98 2.00 -28.43 8.33
C LYS C 98 3.48 -28.82 8.33
N GLY C 99 4.02 -29.14 7.16
CA GLY C 99 5.40 -29.63 7.05
C GLY C 99 6.47 -28.59 7.41
N GLU C 100 6.21 -27.31 7.17
CA GLU C 100 7.17 -26.27 7.49
C GLU C 100 7.09 -25.81 8.95
N THR C 101 6.02 -26.19 9.65
CA THR C 101 5.84 -25.80 11.04
C THR C 101 6.52 -26.87 11.87
N HIS C 102 7.65 -26.52 12.49
CA HIS C 102 8.43 -27.45 13.32
C HIS C 102 8.00 -27.38 14.78
N LEU C 103 7.73 -28.55 15.35
CA LEU C 103 7.14 -28.68 16.69
C LEU C 103 8.13 -29.23 17.69
N MET D 1 16.20 23.14 0.65
CA MET D 1 16.12 21.71 0.99
C MET D 1 16.14 20.93 -0.32
N LYS D 2 16.37 19.62 -0.23
CA LYS D 2 16.20 18.73 -1.36
C LYS D 2 15.54 17.43 -0.81
N ILE D 3 15.08 16.61 -1.72
CA ILE D 3 14.52 15.28 -1.42
C ILE D 3 15.52 14.25 -1.92
N ALA D 4 15.79 13.21 -1.13
CA ALA D 4 16.61 12.12 -1.64
C ALA D 4 15.81 10.81 -1.52
N LEU D 5 16.08 9.86 -2.39
CA LEU D 5 15.40 8.60 -2.41
C LEU D 5 16.42 7.47 -2.34
N THR D 6 16.07 6.41 -1.57
CA THR D 6 16.77 5.15 -1.67
C THR D 6 15.72 4.05 -1.52
N ASN D 7 16.03 2.87 -2.01
CA ASN D 7 15.21 1.67 -1.83
C ASN D 7 16.01 0.73 -0.95
N LEU D 8 15.35 0.11 0.00
CA LEU D 8 15.97 -0.79 0.91
C LEU D 8 15.07 -2.03 1.04
N PRO D 9 15.67 -3.19 1.35
CA PRO D 9 14.81 -4.30 1.77
C PRO D 9 13.96 -3.90 2.99
N PRO D 10 12.78 -4.50 3.14
CA PRO D 10 11.82 -3.96 4.13
C PRO D 10 12.20 -3.77 5.61
N GLU D 11 12.90 -4.71 6.14
CA GLU D 11 13.31 -4.60 7.52
C GLU D 11 14.39 -3.53 7.71
N HIS D 12 15.33 -3.49 6.75
CA HIS D 12 16.43 -2.57 6.92
C HIS D 12 15.92 -1.18 6.73
N GLY D 13 14.86 -1.04 5.93
CA GLY D 13 14.29 0.26 5.58
C GLY D 13 13.81 1.05 6.78
N GLU D 14 13.03 0.42 7.59
CA GLU D 14 12.49 1.04 8.78
C GLU D 14 13.58 1.33 9.81
N ARG D 15 14.54 0.41 9.96
CA ARG D 15 15.59 0.61 10.92
C ARG D 15 16.46 1.85 10.49
N ILE D 16 16.85 1.87 9.24
CA ILE D 16 17.75 2.92 8.74
C ILE D 16 17.02 4.29 8.75
N ALA D 17 15.78 4.31 8.29
CA ALA D 17 14.99 5.54 8.42
C ALA D 17 15.07 6.09 9.87
N ARG D 18 14.78 5.25 10.87
CA ARG D 18 14.78 5.68 12.26
C ARG D 18 16.14 6.25 12.65
N LEU D 19 17.22 5.57 12.26
CA LEU D 19 18.54 6.01 12.58
C LEU D 19 18.91 7.38 11.95
N LEU D 20 18.49 7.60 10.71
CA LEU D 20 18.76 8.89 10.06
C LEU D 20 18.08 10.03 10.80
N VAL D 21 16.88 9.79 11.28
CA VAL D 21 16.15 10.79 12.06
C VAL D 21 16.74 10.97 13.46
N GLU D 22 17.05 9.87 14.18
CA GLU D 22 17.61 9.96 15.48
C GLU D 22 18.94 10.70 15.47
N GLU D 23 19.73 10.53 14.41
CA GLU D 23 21.00 11.20 14.31
C GLU D 23 20.88 12.60 13.66
N HIS D 24 19.68 13.04 13.30
CA HIS D 24 19.43 14.36 12.75
C HIS D 24 20.16 14.58 11.45
N ILE D 25 20.29 13.48 10.72
CA ILE D 25 20.83 13.54 9.41
C ILE D 25 19.78 14.01 8.42
N VAL D 26 18.52 13.71 8.71
CA VAL D 26 17.38 14.17 7.90
C VAL D 26 16.35 14.65 8.90
N ALA D 27 15.45 15.48 8.41
CA ALA D 27 14.40 16.02 9.23
C ALA D 27 13.19 15.03 9.30
N CYS D 28 12.97 14.30 8.22
CA CYS D 28 11.72 13.56 7.98
C CYS D 28 12.03 12.47 6.96
N VAL D 29 11.51 11.26 7.18
CA VAL D 29 11.55 10.18 6.16
C VAL D 29 10.14 9.65 5.97
N ASN D 30 9.70 9.57 4.72
CA ASN D 30 8.46 8.93 4.36
C ASN D 30 8.78 7.56 3.76
N LEU D 31 8.16 6.50 4.28
CA LEU D 31 8.43 5.14 3.81
C LEU D 31 7.22 4.54 3.15
N TYR D 32 7.41 4.03 1.93
CA TYR D 32 6.36 3.51 1.05
C TYR D 32 6.83 2.10 0.65
N PRO D 33 6.09 1.05 0.93
CA PRO D 33 6.39 -0.21 0.21
C PRO D 33 6.31 -0.13 -1.33
N VAL D 34 7.20 -0.84 -2.00
CA VAL D 34 7.26 -0.79 -3.43
C VAL D 34 7.58 -2.18 -3.96
N HIS D 35 7.11 -2.43 -5.18
CA HIS D 35 7.59 -3.50 -6.00
C HIS D 35 8.63 -2.90 -6.99
N SER D 36 9.89 -3.33 -6.93
CA SER D 36 10.92 -2.84 -7.84
C SER D 36 11.28 -3.90 -8.82
N ILE D 37 11.38 -3.50 -10.08
CA ILE D 37 11.79 -4.36 -11.14
C ILE D 37 13.02 -3.68 -11.78
N TYR D 38 14.14 -4.40 -11.90
CA TYR D 38 15.34 -3.76 -12.39
C TYR D 38 16.25 -4.72 -13.03
N SER D 39 17.17 -4.16 -13.82
CA SER D 39 18.21 -4.92 -14.49
C SER D 39 19.44 -4.96 -13.59
N TRP D 40 20.02 -6.13 -13.49
CA TRP D 40 21.27 -6.30 -12.76
C TRP D 40 22.09 -7.43 -13.39
N LYS D 41 23.19 -7.08 -14.04
CA LYS D 41 24.15 -8.06 -14.56
C LYS D 41 23.46 -9.12 -15.39
N GLY D 42 22.69 -8.66 -16.37
CA GLY D 42 21.99 -9.57 -17.27
C GLY D 42 20.81 -10.30 -16.68
N GLU D 43 20.37 -9.92 -15.48
CA GLU D 43 19.17 -10.50 -14.94
C GLU D 43 18.16 -9.43 -14.64
N VAL D 44 16.89 -9.80 -14.76
CA VAL D 44 15.80 -8.97 -14.37
C VAL D 44 15.43 -9.36 -12.97
N CYS D 45 15.50 -8.42 -12.06
CA CYS D 45 15.21 -8.66 -10.67
C CYS D 45 13.85 -8.07 -10.31
N SER D 46 13.08 -8.82 -9.50
CA SER D 46 11.75 -8.41 -9.09
C SER D 46 11.70 -8.54 -7.57
N GLU D 47 11.59 -7.43 -6.84
CA GLU D 47 11.82 -7.44 -5.41
C GLU D 47 10.83 -6.62 -4.62
N ALA D 48 10.65 -7.04 -3.39
CA ALA D 48 9.91 -6.25 -2.37
C ALA D 48 10.91 -5.31 -1.72
N GLU D 49 10.61 -4.03 -1.77
CA GLU D 49 11.48 -3.06 -1.14
C GLU D 49 10.62 -2.03 -0.44
N VAL D 50 11.28 -1.09 0.24
CA VAL D 50 10.59 0.05 0.73
C VAL D 50 11.39 1.24 0.17
N THR D 51 10.66 2.26 -0.24
CA THR D 51 11.27 3.54 -0.65
C THR D 51 11.34 4.42 0.56
N LEU D 52 12.52 5.00 0.80
CA LEU D 52 12.69 6.09 1.76
C LEU D 52 12.74 7.38 0.96
N MET D 53 11.76 8.25 1.21
CA MET D 53 11.79 9.63 0.69
C MET D 53 12.22 10.57 1.83
N MET D 54 13.44 11.11 1.72
CA MET D 54 14.14 11.78 2.82
C MET D 54 14.18 13.26 2.55
N LYS D 55 13.72 14.05 3.49
CA LYS D 55 13.76 15.51 3.38
C LYS D 55 14.91 16.06 4.21
N VAL D 56 15.79 16.79 3.53
CA VAL D 56 17.04 17.17 4.14
C VAL D 56 17.44 18.57 3.61
N SER D 57 18.14 19.34 4.42
CA SER D 57 18.70 20.61 3.95
C SER D 57 19.61 20.37 2.78
N THR D 58 19.76 21.38 1.96
CA THR D 58 20.65 21.25 0.83
C THR D 58 22.07 21.05 1.33
N GLN D 59 22.45 21.79 2.35
CA GLN D 59 23.80 21.64 2.88
C GLN D 59 24.08 20.28 3.48
N GLY D 60 23.05 19.57 3.94
CA GLY D 60 23.22 18.27 4.59
C GLY D 60 23.13 17.10 3.64
N ILE D 61 23.00 17.36 2.33
CA ILE D 61 22.91 16.26 1.37
C ILE D 61 24.13 15.36 1.33
N GLU D 62 25.33 15.93 1.40
CA GLU D 62 26.54 15.15 1.39
C GLU D 62 26.63 14.21 2.59
N ARG D 63 26.37 14.73 3.76
CA ARG D 63 26.35 13.92 4.98
C ARG D 63 25.35 12.77 4.89
N LEU D 64 24.18 13.03 4.31
CA LEU D 64 23.16 11.98 4.14
C LEU D 64 23.72 10.91 3.22
N LYS D 65 24.34 11.34 2.11
CA LYS D 65 24.82 10.40 1.10
C LYS D 65 25.89 9.49 1.72
N GLN D 66 26.80 10.06 2.49
CA GLN D 66 27.84 9.32 3.17
C GLN D 66 27.23 8.31 4.16
N ARG D 67 26.29 8.75 4.94
CA ARG D 67 25.65 7.84 5.96
C ARG D 67 24.86 6.71 5.33
N ILE D 68 24.08 7.03 4.26
CA ILE D 68 23.43 6.02 3.45
C ILE D 68 24.44 4.98 2.98
N CYS D 69 25.59 5.41 2.44
CA CYS D 69 26.60 4.45 1.97
C CYS D 69 27.19 3.63 3.12
N GLU D 70 27.33 4.20 4.32
CA GLU D 70 27.85 3.43 5.44
C GLU D 70 26.83 2.37 5.88
N LEU D 71 25.55 2.69 5.86
CA LEU D 71 24.52 1.79 6.37
C LEU D 71 23.93 0.80 5.38
N HIS D 72 23.98 1.11 4.09
CA HIS D 72 23.13 0.42 3.09
C HIS D 72 23.62 -0.98 2.92
N PRO D 73 22.74 -1.99 2.97
CA PRO D 73 23.23 -3.34 2.80
C PRO D 73 23.70 -3.67 1.36
N TYR D 74 23.21 -2.98 0.35
CA TYR D 74 23.50 -3.40 -1.05
C TYR D 74 24.92 -2.96 -1.48
N GLU D 75 25.55 -3.76 -2.31
CA GLU D 75 26.80 -3.38 -2.90
C GLU D 75 26.69 -2.08 -3.66
N LEU D 76 25.56 -1.85 -4.35
CA LEU D 76 25.38 -0.59 -5.06
C LEU D 76 24.10 0.01 -4.60
N PRO D 77 24.17 0.87 -3.58
CA PRO D 77 22.95 1.44 -3.15
C PRO D 77 22.34 2.47 -4.13
N GLU D 78 21.01 2.54 -4.15
CA GLU D 78 20.32 3.67 -4.77
C GLU D 78 20.43 4.96 -3.89
N PHE D 79 20.88 6.06 -4.48
CA PHE D 79 20.77 7.34 -3.82
C PHE D 79 20.58 8.41 -4.88
N VAL D 80 19.36 8.91 -4.98
CA VAL D 80 18.95 9.82 -6.03
C VAL D 80 18.37 11.05 -5.41
N VAL D 81 18.91 12.22 -5.76
CA VAL D 81 18.48 13.48 -5.22
C VAL D 81 17.61 14.20 -6.24
N ILE D 82 16.44 14.60 -5.79
CA ILE D 82 15.44 15.26 -6.59
C ILE D 82 15.44 16.73 -6.24
N GLU D 83 15.39 17.58 -7.24
CA GLU D 83 15.40 19.03 -7.06
C GLU D 83 14.08 19.54 -6.58
N VAL D 84 14.14 20.36 -5.55
CA VAL D 84 13.00 21.08 -4.98
C VAL D 84 12.98 22.52 -5.41
N ASP D 85 11.80 23.03 -5.76
CA ASP D 85 11.62 24.43 -6.01
C ASP D 85 11.44 25.09 -4.64
N ASN D 86 12.57 25.59 -4.09
CA ASN D 86 12.57 26.19 -2.76
C ASN D 86 11.73 27.47 -2.62
N ASN D 87 11.64 28.25 -3.67
CA ASN D 87 10.80 29.45 -3.66
C ASN D 87 9.33 29.15 -3.68
N ALA D 88 8.91 28.16 -4.43
CA ALA D 88 7.51 27.87 -4.51
C ALA D 88 7.02 27.08 -3.27
N SER D 89 7.93 26.38 -2.60
CA SER D 89 7.60 25.60 -1.41
C SER D 89 7.28 26.53 -0.26
N LEU D 90 6.73 25.99 0.82
CA LEU D 90 6.34 26.79 1.96
C LEU D 90 7.63 27.08 2.75
N ARG D 91 7.93 28.35 2.87
CA ARG D 91 9.21 28.80 3.46
C ARG D 91 9.42 28.32 4.91
N GLU D 92 8.37 28.42 5.75
CA GLU D 92 8.40 27.88 7.14
C GLU D 92 8.74 26.37 7.15
N TYR D 93 8.27 25.62 6.16
CA TYR D 93 8.61 24.20 6.10
C TYR D 93 10.09 23.96 5.74
N ILE D 94 10.58 24.70 4.77
CA ILE D 94 11.99 24.58 4.35
C ILE D 94 12.92 25.00 5.47
N ASP D 95 12.54 26.03 6.22
CA ASP D 95 13.26 26.39 7.43
C ASP D 95 13.22 25.29 8.53
N PHE D 96 12.08 24.62 8.72
CA PHE D 96 12.00 23.51 9.65
C PHE D 96 12.99 22.44 9.24
N VAL D 97 13.01 22.11 7.96
CA VAL D 97 13.88 21.04 7.49
C VAL D 97 15.32 21.41 7.71
N LYS D 98 15.66 22.66 7.43
CA LYS D 98 17.01 23.19 7.68
C LYS D 98 17.38 23.11 9.17
N GLY D 99 16.49 23.54 10.04
CA GLY D 99 16.74 23.50 11.49
C GLY D 99 16.89 22.12 12.11
N GLU D 100 16.18 21.11 11.60
CA GLU D 100 16.29 19.76 12.16
C GLU D 100 17.47 18.99 11.59
N THR D 101 18.09 19.48 10.51
CA THR D 101 19.27 18.87 9.93
C THR D 101 20.46 19.57 10.65
N HIS D 102 21.03 18.94 11.67
CA HIS D 102 22.00 19.63 12.55
C HIS D 102 23.38 19.92 11.92
N MET E 1 -21.89 -17.97 1.22
CA MET E 1 -20.70 -17.50 0.49
C MET E 1 -19.48 -17.86 1.29
N LYS E 2 -18.31 -17.77 0.65
CA LYS E 2 -17.07 -17.95 1.41
C LYS E 2 -16.07 -16.97 0.85
N ILE E 3 -14.97 -16.81 1.54
CA ILE E 3 -13.83 -15.98 1.09
C ILE E 3 -12.68 -16.92 0.88
N ALA E 4 -12.03 -16.76 -0.25
CA ALA E 4 -10.86 -17.55 -0.55
C ALA E 4 -9.67 -16.56 -0.74
N LEU E 5 -8.48 -16.99 -0.32
CA LEU E 5 -7.25 -16.22 -0.50
C LEU E 5 -6.26 -16.97 -1.35
N THR E 6 -5.57 -16.25 -2.23
CA THR E 6 -4.36 -16.75 -2.85
C THR E 6 -3.37 -15.57 -2.94
N ASN E 7 -2.09 -15.89 -3.06
CA ASN E 7 -1.01 -14.89 -3.27
C ASN E 7 -0.45 -15.16 -4.63
N LEU E 8 -0.22 -14.10 -5.41
CA LEU E 8 0.31 -14.24 -6.76
C LEU E 8 1.43 -13.20 -6.95
N PRO E 9 2.37 -13.50 -7.81
CA PRO E 9 3.31 -12.43 -8.21
C PRO E 9 2.57 -11.27 -8.82
N PRO E 10 3.11 -10.06 -8.73
CA PRO E 10 2.22 -8.88 -9.00
C PRO E 10 1.54 -8.73 -10.37
N GLU E 11 2.26 -9.05 -11.42
CA GLU E 11 1.65 -8.95 -12.75
C GLU E 11 0.53 -9.98 -12.95
N HIS E 12 0.77 -11.18 -12.43
CA HIS E 12 -0.16 -12.24 -12.69
C HIS E 12 -1.39 -11.95 -11.87
N GLY E 13 -1.21 -11.34 -10.71
CA GLY E 13 -2.31 -11.13 -9.76
C GLY E 13 -3.45 -10.32 -10.33
N GLU E 14 -3.09 -9.16 -10.89
CA GLU E 14 -4.12 -8.29 -11.51
C GLU E 14 -4.77 -8.93 -12.75
N ARG E 15 -3.99 -9.60 -13.58
CA ARG E 15 -4.51 -10.28 -14.72
C ARG E 15 -5.50 -11.34 -14.30
N ILE E 16 -5.10 -12.19 -13.39
CA ILE E 16 -5.96 -13.29 -12.92
C ILE E 16 -7.23 -12.77 -12.23
N ALA E 17 -7.08 -11.81 -11.32
CA ALA E 17 -8.25 -11.26 -10.64
C ALA E 17 -9.31 -10.79 -11.63
N ARG E 18 -8.84 -10.06 -12.66
CA ARG E 18 -9.74 -9.46 -13.61
C ARG E 18 -10.39 -10.54 -14.44
N LEU E 19 -9.62 -11.54 -14.82
CA LEU E 19 -10.20 -12.65 -15.46
C LEU E 19 -11.25 -13.42 -14.69
N LEU E 20 -11.04 -13.64 -13.39
CA LEU E 20 -12.00 -14.39 -12.55
C LEU E 20 -13.33 -13.65 -12.47
N VAL E 21 -13.27 -12.33 -12.39
CA VAL E 21 -14.47 -11.50 -12.39
C VAL E 21 -15.11 -11.41 -13.77
N GLU E 22 -14.31 -11.19 -14.82
CA GLU E 22 -14.84 -11.20 -16.18
C GLU E 22 -15.52 -12.52 -16.54
N GLU E 23 -15.02 -13.64 -16.07
CA GLU E 23 -15.62 -14.94 -16.31
C GLU E 23 -16.72 -15.30 -15.31
N HIS E 24 -17.00 -14.44 -14.33
CA HIS E 24 -18.02 -14.66 -13.29
C HIS E 24 -17.79 -15.90 -12.46
N ILE E 25 -16.52 -16.24 -12.28
CA ILE E 25 -16.14 -17.31 -11.37
C ILE E 25 -16.19 -16.82 -9.93
N VAL E 26 -15.98 -15.51 -9.74
CA VAL E 26 -16.17 -14.87 -8.44
C VAL E 26 -17.02 -13.62 -8.68
N ALA E 27 -17.65 -13.15 -7.60
CA ALA E 27 -18.40 -11.92 -7.61
C ALA E 27 -17.51 -10.68 -7.50
N CYS E 28 -16.41 -10.80 -6.75
CA CYS E 28 -15.64 -9.67 -6.30
C CYS E 28 -14.23 -10.19 -5.89
N VAL E 29 -13.19 -9.45 -6.25
CA VAL E 29 -11.85 -9.71 -5.77
C VAL E 29 -11.36 -8.38 -5.21
N ASN E 30 -10.85 -8.43 -3.99
CA ASN E 30 -10.00 -7.37 -3.47
C ASN E 30 -8.50 -7.70 -3.54
N LEU E 31 -7.69 -6.78 -4.09
CA LEU E 31 -6.26 -7.05 -4.24
C LEU E 31 -5.46 -6.09 -3.35
N TYR E 32 -4.50 -6.65 -2.62
CA TYR E 32 -3.66 -5.94 -1.63
C TYR E 32 -2.22 -6.34 -1.95
N PRO E 33 -1.33 -5.40 -2.20
CA PRO E 33 0.09 -5.76 -2.28
C PRO E 33 0.63 -6.20 -0.94
N VAL E 34 1.54 -7.18 -0.93
CA VAL E 34 1.99 -7.77 0.25
C VAL E 34 3.46 -8.10 0.11
N HIS E 35 4.15 -8.03 1.24
CA HIS E 35 5.47 -8.61 1.38
C HIS E 35 5.27 -10.00 2.01
N SER E 36 5.70 -11.06 1.31
CA SER E 36 5.64 -12.41 1.87
C SER E 36 7.00 -12.92 2.20
N ILE E 37 7.07 -13.53 3.39
CA ILE E 37 8.28 -14.15 3.86
C ILE E 37 7.87 -15.61 4.11
N TYR E 38 8.61 -16.56 3.55
CA TYR E 38 8.24 -17.93 3.76
C TYR E 38 9.42 -18.87 3.68
N SER E 39 9.16 -20.07 4.19
CA SER E 39 10.11 -21.16 4.24
C SER E 39 9.90 -22.03 2.99
N TRP E 40 10.98 -22.33 2.30
CA TRP E 40 10.90 -23.13 1.11
C TRP E 40 12.20 -23.92 0.93
N LYS E 41 12.11 -25.23 1.14
CA LYS E 41 13.19 -26.15 0.85
C LYS E 41 14.47 -25.65 1.48
N GLY E 42 14.39 -25.41 2.79
CA GLY E 42 15.56 -25.04 3.59
C GLY E 42 15.98 -23.58 3.46
N GLU E 43 15.22 -22.78 2.72
CA GLU E 43 15.56 -21.38 2.57
C GLU E 43 14.44 -20.46 2.99
N VAL E 44 14.80 -19.26 3.45
CA VAL E 44 13.86 -18.22 3.76
C VAL E 44 13.70 -17.31 2.55
N CYS E 45 12.50 -17.20 2.02
CA CYS E 45 12.25 -16.42 0.81
C CYS E 45 11.52 -15.16 1.20
N SER E 46 11.89 -14.07 0.55
CA SER E 46 11.25 -12.79 0.78
C SER E 46 10.79 -12.23 -0.61
N GLU E 47 9.49 -12.04 -0.84
CA GLU E 47 8.97 -11.75 -2.14
C GLU E 47 7.89 -10.67 -2.14
N ALA E 48 7.78 -10.00 -3.30
CA ALA E 48 6.69 -9.10 -3.54
C ALA E 48 5.54 -9.89 -4.15
N GLU E 49 4.36 -9.77 -3.59
CA GLU E 49 3.23 -10.50 -4.08
C GLU E 49 2.02 -9.63 -3.95
N VAL E 50 0.90 -10.13 -4.45
CA VAL E 50 -0.36 -9.47 -4.23
C VAL E 50 -1.31 -10.55 -3.71
N THR E 51 -2.10 -10.20 -2.71
CA THR E 51 -3.10 -11.08 -2.14
C THR E 51 -4.40 -10.82 -2.86
N LEU E 52 -5.06 -11.89 -3.31
CA LEU E 52 -6.41 -11.83 -3.85
C LEU E 52 -7.36 -12.39 -2.82
N MET E 53 -8.28 -11.55 -2.36
CA MET E 53 -9.31 -11.94 -1.46
C MET E 53 -10.60 -12.03 -2.31
N MET E 54 -11.06 -13.25 -2.50
CA MET E 54 -12.07 -13.55 -3.50
C MET E 54 -13.37 -13.91 -2.81
N LYS E 55 -14.44 -13.26 -3.20
CA LYS E 55 -15.77 -13.54 -2.65
C LYS E 55 -16.54 -14.33 -3.65
N VAL E 56 -17.01 -15.47 -3.21
CA VAL E 56 -17.61 -16.45 -4.12
C VAL E 56 -18.73 -17.22 -3.40
N SER E 57 -19.74 -17.61 -4.17
CA SER E 57 -20.79 -18.48 -3.59
C SER E 57 -20.19 -19.78 -3.11
N THR E 58 -20.88 -20.40 -2.15
CA THR E 58 -20.42 -21.65 -1.66
C THR E 58 -20.43 -22.67 -2.80
N GLN E 59 -21.48 -22.64 -3.65
CA GLN E 59 -21.62 -23.61 -4.78
C GLN E 59 -20.54 -23.43 -5.83
N GLY E 60 -19.94 -22.25 -5.90
CA GLY E 60 -18.86 -22.01 -6.81
C GLY E 60 -17.43 -22.19 -6.29
N ILE E 61 -17.23 -22.62 -5.03
CA ILE E 61 -15.86 -22.73 -4.45
C ILE E 61 -15.02 -23.73 -5.20
N GLU E 62 -15.61 -24.84 -5.58
CA GLU E 62 -14.85 -25.90 -6.27
C GLU E 62 -14.38 -25.44 -7.65
N ARG E 63 -15.26 -24.81 -8.39
CA ARG E 63 -14.88 -24.26 -9.66
C ARG E 63 -13.74 -23.20 -9.51
N LEU E 64 -13.82 -22.36 -8.48
CA LEU E 64 -12.80 -21.36 -8.23
C LEU E 64 -11.47 -22.02 -7.92
N LYS E 65 -11.49 -23.04 -7.06
CA LYS E 65 -10.27 -23.78 -6.71
C LYS E 65 -9.61 -24.41 -7.93
N GLN E 66 -10.41 -25.04 -8.79
CA GLN E 66 -9.89 -25.61 -10.01
C GLN E 66 -9.28 -24.51 -10.94
N ARG E 67 -9.97 -23.40 -11.10
CA ARG E 67 -9.52 -22.33 -11.99
C ARG E 67 -8.21 -21.72 -11.49
N ILE E 68 -8.11 -21.50 -10.18
CA ILE E 68 -6.89 -21.06 -9.57
C ILE E 68 -5.72 -22.03 -9.80
N CYS E 69 -5.93 -23.33 -9.57
CA CYS E 69 -4.91 -24.32 -9.92
C CYS E 69 -4.57 -24.34 -11.42
N GLU E 70 -5.53 -24.11 -12.31
CA GLU E 70 -5.19 -24.01 -13.75
C GLU E 70 -4.29 -22.81 -14.02
N LEU E 71 -4.54 -21.69 -13.36
CA LEU E 71 -3.92 -20.41 -13.76
C LEU E 71 -2.67 -20.08 -12.99
N HIS E 72 -2.51 -20.69 -11.81
CA HIS E 72 -1.53 -20.21 -10.89
C HIS E 72 -0.14 -20.54 -11.40
N PRO E 73 0.76 -19.57 -11.41
CA PRO E 73 2.13 -19.89 -11.89
C PRO E 73 2.98 -20.78 -10.94
N TYR E 74 2.69 -20.81 -9.64
CA TYR E 74 3.58 -21.46 -8.68
C TYR E 74 3.41 -22.94 -8.64
N GLU E 75 4.51 -23.63 -8.36
CA GLU E 75 4.46 -25.09 -8.21
C GLU E 75 3.49 -25.49 -7.10
N LEU E 76 3.42 -24.71 -6.04
CA LEU E 76 2.45 -24.97 -4.99
C LEU E 76 1.64 -23.75 -4.73
N PRO E 77 0.47 -23.66 -5.36
CA PRO E 77 -0.31 -22.43 -5.14
C PRO E 77 -0.99 -22.39 -3.79
N GLU E 78 -1.08 -21.19 -3.25
CA GLU E 78 -1.88 -20.98 -2.07
C GLU E 78 -3.36 -20.96 -2.47
N PHE E 79 -4.18 -21.70 -1.75
CA PHE E 79 -5.62 -21.49 -1.86
C PHE E 79 -6.23 -21.85 -0.53
N VAL E 80 -6.63 -20.81 0.19
CA VAL E 80 -7.10 -20.97 1.56
C VAL E 80 -8.49 -20.38 1.65
N VAL E 81 -9.43 -21.16 2.14
CA VAL E 81 -10.80 -20.73 2.26
C VAL E 81 -11.01 -20.41 3.72
N ILE E 82 -11.43 -19.19 3.97
CA ILE E 82 -11.76 -18.75 5.34
C ILE E 82 -13.29 -18.80 5.53
N GLU E 83 -13.63 -19.18 6.75
CA GLU E 83 -15.04 -19.44 7.13
C GLU E 83 -15.80 -18.17 7.31
N VAL E 84 -16.86 -18.01 6.54
CA VAL E 84 -17.75 -16.91 6.67
C VAL E 84 -18.88 -17.35 7.56
N ASP E 85 -19.25 -16.50 8.52
CA ASP E 85 -20.46 -16.71 9.28
C ASP E 85 -21.61 -16.15 8.41
N ASN E 86 -22.25 -17.02 7.63
CA ASN E 86 -23.32 -16.57 6.71
C ASN E 86 -24.55 -15.99 7.43
N ASN E 87 -24.84 -16.54 8.59
CA ASN E 87 -25.97 -16.12 9.37
C ASN E 87 -25.74 -14.73 9.97
N ALA E 88 -24.51 -14.37 10.33
CA ALA E 88 -24.23 -13.04 10.91
C ALA E 88 -23.94 -11.96 9.85
N SER E 89 -23.51 -12.37 8.65
CA SER E 89 -23.29 -11.47 7.51
C SER E 89 -24.60 -10.89 6.99
N LEU E 90 -24.48 -9.89 6.13
CA LEU E 90 -25.68 -9.23 5.59
C LEU E 90 -26.26 -10.09 4.48
N ARG E 91 -27.50 -10.54 4.68
CA ARG E 91 -28.12 -11.46 3.76
C ARG E 91 -28.19 -10.96 2.29
N GLU E 92 -28.54 -9.69 2.08
CA GLU E 92 -28.55 -9.10 0.74
C GLU E 92 -27.19 -9.20 0.08
N TYR E 93 -26.11 -9.04 0.85
CA TYR E 93 -24.80 -9.12 0.29
C TYR E 93 -24.47 -10.54 -0.13
N ILE E 94 -24.79 -11.49 0.72
CA ILE E 94 -24.56 -12.89 0.39
C ILE E 94 -25.36 -13.31 -0.84
N ASP E 95 -26.58 -12.83 -0.97
CA ASP E 95 -27.38 -13.06 -2.17
C ASP E 95 -26.77 -12.41 -3.42
N PHE E 96 -26.20 -11.21 -3.28
CA PHE E 96 -25.47 -10.58 -4.39
C PHE E 96 -24.31 -11.46 -4.85
N VAL E 97 -23.53 -11.94 -3.91
CA VAL E 97 -22.37 -12.78 -4.24
C VAL E 97 -22.80 -14.06 -4.93
N LYS E 98 -23.85 -14.68 -4.42
CA LYS E 98 -24.46 -15.85 -5.06
C LYS E 98 -24.94 -15.57 -6.50
N GLY E 99 -25.66 -14.47 -6.71
CA GLY E 99 -26.12 -14.11 -8.03
C GLY E 99 -25.06 -13.81 -9.08
N GLU E 100 -23.91 -13.25 -8.67
CA GLU E 100 -22.84 -12.91 -9.61
C GLU E 100 -21.81 -14.02 -9.82
N THR E 101 -21.95 -15.12 -9.07
CA THR E 101 -21.16 -16.30 -9.33
C THR E 101 -21.92 -17.21 -10.30
N HIS E 102 -21.43 -17.27 -11.55
CA HIS E 102 -22.09 -18.00 -12.62
C HIS E 102 -21.43 -19.37 -12.74
N LEU E 103 -22.20 -20.43 -12.89
CA LEU E 103 -21.68 -21.81 -12.97
C LEU E 103 -21.25 -22.19 -14.35
N TYR E 104 -20.26 -23.08 -14.42
CA TYR E 104 -19.68 -23.53 -15.73
C TYR E 104 -20.14 -24.96 -16.00
N MET F 1 -15.21 -13.07 20.28
CA MET F 1 -15.15 -11.94 19.34
C MET F 1 -15.32 -12.47 17.92
N LYS F 2 -15.58 -11.60 16.97
CA LYS F 2 -15.57 -11.96 15.56
C LYS F 2 -14.91 -10.79 14.81
N ILE F 3 -14.59 -11.03 13.55
CA ILE F 3 -14.06 -10.04 12.64
C ILE F 3 -15.15 -9.78 11.58
N ALA F 4 -15.42 -8.51 11.27
CA ALA F 4 -16.32 -8.18 10.18
C ALA F 4 -15.57 -7.30 9.16
N LEU F 5 -15.92 -7.46 7.88
CA LEU F 5 -15.28 -6.73 6.83
C LEU F 5 -16.31 -5.92 6.10
N THR F 6 -15.93 -4.70 5.68
CA THR F 6 -16.68 -3.96 4.66
C THR F 6 -15.67 -3.18 3.79
N ASN F 7 -16.06 -2.81 2.59
CA ASN F 7 -15.26 -2.01 1.69
C ASN F 7 -15.98 -0.72 1.51
N LEU F 8 -15.24 0.40 1.53
CA LEU F 8 -15.83 1.69 1.46
C LEU F 8 -15.01 2.50 0.52
N PRO F 9 -15.62 3.48 -0.12
CA PRO F 9 -14.78 4.46 -0.81
C PRO F 9 -13.82 5.17 0.16
N PRO F 10 -12.65 5.60 -0.33
CA PRO F 10 -11.58 5.99 0.62
C PRO F 10 -11.86 7.04 1.71
N GLU F 11 -12.51 8.11 1.34
CA GLU F 11 -12.80 9.13 2.31
C GLU F 11 -13.79 8.64 3.35
N HIS F 12 -14.79 7.87 2.89
CA HIS F 12 -15.88 7.48 3.81
C HIS F 12 -15.35 6.46 4.76
N GLY F 13 -14.38 5.68 4.28
CA GLY F 13 -13.78 4.63 5.06
C GLY F 13 -13.20 5.11 6.38
N GLU F 14 -12.34 6.12 6.30
CA GLU F 14 -11.66 6.64 7.46
C GLU F 14 -12.65 7.27 8.42
N ARG F 15 -13.61 8.02 7.88
CA ARG F 15 -14.58 8.70 8.73
C ARG F 15 -15.39 7.64 9.49
N ILE F 16 -15.87 6.66 8.77
CA ILE F 16 -16.73 5.63 9.38
C ILE F 16 -15.97 4.79 10.39
N ALA F 17 -14.75 4.40 10.05
CA ALA F 17 -13.93 3.66 10.99
C ALA F 17 -13.83 4.45 12.31
N ARG F 18 -13.53 5.74 12.22
CA ARG F 18 -13.35 6.55 13.41
C ARG F 18 -14.63 6.60 14.21
N LEU F 19 -15.76 6.77 13.52
CA LEU F 19 -17.05 6.84 14.21
C LEU F 19 -17.37 5.55 14.97
N LEU F 20 -17.08 4.41 14.37
CA LEU F 20 -17.37 3.12 15.00
C LEU F 20 -16.57 2.95 16.29
N VAL F 21 -15.32 3.40 16.27
CA VAL F 21 -14.46 3.36 17.45
C VAL F 21 -14.86 4.41 18.50
N GLU F 22 -15.14 5.63 18.08
CA GLU F 22 -15.63 6.65 18.98
C GLU F 22 -16.92 6.28 19.69
N GLU F 23 -17.81 5.61 19.00
CA GLU F 23 -19.08 5.21 19.59
C GLU F 23 -18.99 3.86 20.32
N HIS F 24 -17.81 3.24 20.35
CA HIS F 24 -17.61 1.95 21.00
C HIS F 24 -18.47 0.84 20.43
N ILE F 25 -18.72 0.94 19.15
CA ILE F 25 -19.40 -0.11 18.43
C ILE F 25 -18.42 -1.23 18.10
N VAL F 26 -17.15 -0.87 17.89
CA VAL F 26 -16.08 -1.83 17.68
C VAL F 26 -14.91 -1.41 18.57
N ALA F 27 -14.04 -2.35 18.83
CA ALA F 27 -12.88 -2.11 19.68
C ALA F 27 -11.71 -1.54 18.85
N CYS F 28 -11.62 -1.97 17.59
CA CYS F 28 -10.45 -1.74 16.75
C CYS F 28 -10.89 -1.86 15.27
N VAL F 29 -10.37 -0.99 14.40
CA VAL F 29 -10.52 -1.13 12.97
C VAL F 29 -9.15 -1.01 12.31
N ASN F 30 -8.82 -1.97 11.48
CA ASN F 30 -7.68 -1.88 10.59
C ASN F 30 -8.15 -1.51 9.20
N LEU F 31 -7.53 -0.50 8.62
CA LEU F 31 -7.86 -0.01 7.31
C LEU F 31 -6.72 -0.26 6.34
N TYR F 32 -7.05 -0.91 5.22
CA TYR F 32 -6.10 -1.33 4.17
C TYR F 32 -6.66 -0.75 2.83
N PRO F 33 -5.91 0.07 2.10
CA PRO F 33 -6.36 0.44 0.74
C PRO F 33 -6.41 -0.80 -0.15
N VAL F 34 -7.39 -0.86 -1.04
CA VAL F 34 -7.52 -1.99 -1.86
C VAL F 34 -7.93 -1.55 -3.26
N HIS F 35 -7.56 -2.35 -4.23
CA HIS F 35 -8.18 -2.32 -5.53
C HIS F 35 -9.27 -3.41 -5.57
N SER F 36 -10.53 -3.01 -5.77
CA SER F 36 -11.65 -4.00 -5.93
C SER F 36 -12.12 -4.09 -7.36
N ILE F 37 -12.32 -5.33 -7.79
CA ILE F 37 -12.88 -5.61 -9.09
C ILE F 37 -14.14 -6.43 -8.81
N TYR F 38 -15.28 -6.00 -9.36
CA TYR F 38 -16.49 -6.73 -9.07
C TYR F 38 -17.52 -6.59 -10.16
N SER F 39 -18.46 -7.54 -10.11
CA SER F 39 -19.53 -7.66 -11.04
C SER F 39 -20.75 -6.91 -10.48
N TRP F 40 -21.39 -6.09 -11.31
CA TRP F 40 -22.56 -5.35 -10.89
C TRP F 40 -23.51 -5.16 -12.08
N LYS F 41 -24.63 -5.87 -12.06
CA LYS F 41 -25.72 -5.68 -13.04
C LYS F 41 -25.20 -5.74 -14.47
N GLY F 42 -24.49 -6.82 -14.76
CA GLY F 42 -23.91 -7.05 -16.09
C GLY F 42 -22.65 -6.26 -16.44
N GLU F 43 -22.12 -5.48 -15.50
CA GLU F 43 -20.92 -4.70 -15.77
C GLU F 43 -19.80 -5.08 -14.81
N VAL F 44 -18.57 -4.94 -15.29
CA VAL F 44 -17.37 -5.10 -14.44
C VAL F 44 -16.90 -3.76 -13.92
N CYS F 45 -16.79 -3.62 -12.61
CA CYS F 45 -16.38 -2.40 -11.99
C CYS F 45 -14.97 -2.55 -11.35
N SER F 46 -14.13 -1.54 -11.55
CA SER F 46 -12.78 -1.54 -11.03
C SER F 46 -12.63 -0.25 -10.21
N GLU F 47 -12.41 -0.36 -8.88
CA GLU F 47 -12.52 0.80 -7.99
C GLU F 47 -11.38 0.85 -6.94
N ALA F 48 -11.08 2.07 -6.51
CA ALA F 48 -10.24 2.32 -5.36
C ALA F 48 -11.14 2.29 -4.11
N GLU F 49 -10.82 1.42 -3.16
CA GLU F 49 -11.59 1.36 -1.96
C GLU F 49 -10.66 1.26 -0.76
N VAL F 50 -11.23 1.21 0.44
CA VAL F 50 -10.47 0.82 1.60
C VAL F 50 -11.27 -0.33 2.26
N THR F 51 -10.57 -1.34 2.69
CA THR F 51 -11.14 -2.41 3.49
C THR F 51 -11.06 -2.05 4.99
N LEU F 52 -12.21 -2.17 5.68
CA LEU F 52 -12.26 -2.02 7.15
C LEU F 52 -12.35 -3.40 7.71
N MET F 53 -11.33 -3.79 8.48
CA MET F 53 -11.35 -5.04 9.21
C MET F 53 -11.66 -4.68 10.66
N MET F 54 -12.85 -5.06 11.12
CA MET F 54 -13.40 -4.56 12.36
C MET F 54 -13.41 -5.67 13.39
N LYS F 55 -12.85 -5.41 14.58
CA LYS F 55 -12.86 -6.38 15.67
C LYS F 55 -13.90 -5.97 16.66
N VAL F 56 -14.81 -6.90 16.90
CA VAL F 56 -15.97 -6.60 17.71
C VAL F 56 -16.34 -7.84 18.57
N SER F 57 -16.94 -7.61 19.70
CA SER F 57 -17.47 -8.74 20.48
C SER F 57 -18.52 -9.47 19.69
N THR F 58 -18.71 -10.73 20.01
CA THR F 58 -19.73 -11.49 19.35
C THR F 58 -21.11 -10.88 19.63
N GLN F 59 -21.37 -10.48 20.87
CA GLN F 59 -22.65 -9.90 21.22
C GLN F 59 -22.90 -8.59 20.52
N GLY F 60 -21.85 -7.87 20.11
CA GLY F 60 -22.03 -6.61 19.45
C GLY F 60 -22.09 -6.66 17.94
N ILE F 61 -22.01 -7.86 17.34
CA ILE F 61 -22.05 -7.98 15.86
C ILE F 61 -23.33 -7.40 15.25
N GLU F 62 -24.48 -7.63 15.87
CA GLU F 62 -25.73 -7.13 15.34
C GLU F 62 -25.80 -5.61 15.34
N ARG F 63 -25.36 -5.01 16.42
CA ARG F 63 -25.30 -3.56 16.50
C ARG F 63 -24.34 -2.97 15.43
N LEU F 64 -23.22 -3.63 15.21
CA LEU F 64 -22.30 -3.21 14.17
C LEU F 64 -22.92 -3.28 12.80
N LYS F 65 -23.59 -4.39 12.52
CA LYS F 65 -24.22 -4.59 11.22
C LYS F 65 -25.23 -3.46 10.97
N GLN F 66 -26.04 -3.15 11.98
CA GLN F 66 -27.02 -2.10 11.85
C GLN F 66 -26.38 -0.75 11.59
N ARG F 67 -25.34 -0.45 12.33
CA ARG F 67 -24.67 0.84 12.19
C ARG F 67 -24.01 0.99 10.82
N ILE F 68 -23.37 -0.10 10.35
CA ILE F 68 -22.80 -0.13 9.02
C ILE F 68 -23.89 0.17 7.97
N CYS F 69 -25.03 -0.48 8.07
CA CYS F 69 -26.11 -0.19 7.13
C CYS F 69 -26.62 1.24 7.22
N GLU F 70 -26.63 1.84 8.41
CA GLU F 70 -27.05 3.23 8.50
C GLU F 70 -26.03 4.13 7.82
N LEU F 71 -24.76 3.84 7.94
CA LEU F 71 -23.72 4.76 7.49
C LEU F 71 -23.20 4.51 6.08
N HIS F 72 -23.38 3.29 5.57
CA HIS F 72 -22.70 2.91 4.36
C HIS F 72 -23.27 3.69 3.17
N PRO F 73 -22.41 4.28 2.31
CA PRO F 73 -22.96 5.01 1.14
C PRO F 73 -23.57 4.12 0.03
N TYR F 74 -23.18 2.85 -0.07
CA TYR F 74 -23.60 2.02 -1.19
C TYR F 74 -25.01 1.47 -1.01
N GLU F 75 -25.74 1.37 -2.11
CA GLU F 75 -27.06 0.75 -2.07
C GLU F 75 -26.98 -0.65 -1.46
N LEU F 76 -25.92 -1.39 -1.77
CA LEU F 76 -25.77 -2.72 -1.23
C LEU F 76 -24.40 -2.76 -0.59
N PRO F 77 -24.34 -2.49 0.72
CA PRO F 77 -23.06 -2.57 1.38
C PRO F 77 -22.53 -4.00 1.59
N GLU F 78 -21.23 -4.13 1.54
CA GLU F 78 -20.57 -5.36 1.97
C GLU F 78 -20.57 -5.42 3.52
N PHE F 79 -20.99 -6.55 4.08
CA PHE F 79 -20.76 -6.80 5.45
C PHE F 79 -20.62 -8.31 5.61
N VAL F 80 -19.41 -8.75 5.80
CA VAL F 80 -19.11 -10.15 5.87
C VAL F 80 -18.41 -10.43 7.20
N VAL F 81 -18.93 -11.39 7.95
CA VAL F 81 -18.39 -11.77 9.24
C VAL F 81 -17.59 -13.05 9.07
N ILE F 82 -16.36 -12.98 9.53
CA ILE F 82 -15.42 -14.10 9.50
C ILE F 82 -15.34 -14.71 10.89
N GLU F 83 -15.35 -16.02 10.94
CA GLU F 83 -15.28 -16.77 12.19
C GLU F 83 -13.88 -16.74 12.80
N VAL F 84 -13.83 -16.40 14.08
CA VAL F 84 -12.63 -16.42 14.86
C VAL F 84 -12.60 -17.64 15.73
N ASP F 85 -11.43 -18.28 15.82
CA ASP F 85 -11.23 -19.34 16.82
C ASP F 85 -10.89 -18.62 18.11
N ASN F 86 -11.91 -18.41 18.92
CA ASN F 86 -11.75 -17.71 20.22
C ASN F 86 -10.82 -18.40 21.24
N ASN F 87 -10.79 -19.72 21.23
CA ASN F 87 -9.88 -20.47 22.10
C ASN F 87 -8.44 -20.41 21.67
N ALA F 88 -8.17 -20.41 20.38
CA ALA F 88 -6.79 -20.38 19.92
C ALA F 88 -6.21 -18.95 19.93
N SER F 89 -7.08 -17.97 19.88
CA SER F 89 -6.67 -16.57 20.01
C SER F 89 -6.18 -16.29 21.45
N LEU F 90 -5.56 -15.13 21.65
CA LEU F 90 -5.04 -14.76 22.96
C LEU F 90 -6.20 -14.26 23.80
N ARG F 91 -6.42 -14.95 24.93
CA ARG F 91 -7.60 -14.67 25.76
C ARG F 91 -7.67 -13.22 26.27
N GLU F 92 -6.54 -12.65 26.71
CA GLU F 92 -6.47 -11.25 27.13
C GLU F 92 -6.91 -10.32 26.00
N TYR F 93 -6.56 -10.67 24.77
CA TYR F 93 -6.96 -9.83 23.65
C TYR F 93 -8.50 -9.91 23.41
N ILE F 94 -9.06 -11.12 23.45
CA ILE F 94 -10.50 -11.28 23.20
C ILE F 94 -11.30 -10.62 24.31
N ASP F 95 -10.78 -10.65 25.54
CA ASP F 95 -11.37 -9.89 26.64
C ASP F 95 -11.26 -8.36 26.44
N PHE F 96 -10.14 -7.88 25.91
CA PHE F 96 -10.03 -6.45 25.57
C PHE F 96 -11.10 -6.06 24.56
N VAL F 97 -11.25 -6.86 23.51
CA VAL F 97 -12.24 -6.55 22.48
C VAL F 97 -13.68 -6.55 23.05
N LYS F 98 -13.98 -7.53 23.90
CA LYS F 98 -15.26 -7.61 24.62
C LYS F 98 -15.49 -6.36 25.48
N GLY F 99 -14.49 -5.98 26.27
CA GLY F 99 -14.61 -4.83 27.14
C GLY F 99 -14.80 -3.49 26.46
N GLU F 100 -14.22 -3.30 25.28
CA GLU F 100 -14.33 -2.04 24.55
C GLU F 100 -15.62 -1.93 23.69
N THR F 101 -16.34 -3.05 23.52
CA THR F 101 -17.63 -3.07 22.79
C THR F 101 -18.79 -3.12 23.80
S SO4 G . 2.44 26.31 -16.80
O1 SO4 G . 2.07 25.10 -16.10
O2 SO4 G . 3.90 26.40 -17.06
O3 SO4 G . 1.75 26.02 -18.08
O4 SO4 G . 1.98 27.55 -16.10
S SO4 H . 5.90 16.14 -26.47
O1 SO4 H . 6.75 17.15 -27.15
O2 SO4 H . 6.36 14.73 -26.72
O3 SO4 H . 4.52 16.22 -27.01
O4 SO4 H . 5.93 16.43 -25.04
S SO4 I . -3.38 -29.11 11.02
O1 SO4 I . -2.87 -29.80 9.81
O2 SO4 I . -2.66 -29.60 12.26
O3 SO4 I . -4.83 -29.31 11.20
O4 SO4 I . -3.10 -27.69 10.75
S SO4 J . -7.72 -31.09 -2.73
O1 SO4 J . -8.66 -32.04 -2.19
O2 SO4 J . -6.42 -31.80 -2.97
O3 SO4 J . -8.19 -30.56 -4.01
O4 SO4 J . -7.61 -29.91 -1.84
S SO4 K . 19.61 24.72 3.05
O1 SO4 K . 18.57 23.83 2.48
O2 SO4 K . 20.94 24.15 3.46
O3 SO4 K . 19.97 25.70 2.02
O4 SO4 K . 19.00 25.38 4.24
S SO4 L . -29.91 -9.33 7.49
O1 SO4 L . -30.92 -10.44 7.80
O2 SO4 L . -28.68 -9.93 6.97
O3 SO4 L . -30.58 -8.34 6.58
O4 SO4 L . -29.56 -8.58 8.70
S SO4 M . -17.92 -11.99 23.36
O1 SO4 M . -17.42 -13.39 23.26
O2 SO4 M . -17.21 -11.32 22.25
O3 SO4 M . -19.40 -11.82 23.30
O4 SO4 M . -17.52 -11.37 24.65
#